data_5L37
#
_entry.id   5L37
#
_cell.length_a   69.970
_cell.length_b   69.970
_cell.length_c   140.090
_cell.angle_alpha   90.00
_cell.angle_beta   90.00
_cell.angle_gamma   120.00
#
_symmetry.space_group_name_H-M   'P 31 2 1'
#
loop_
_entity.id
_entity.type
_entity.pdbx_description
1 polymer MSM0273
2 water water
#
_entity_poly.entity_id   1
_entity_poly.type   'polypeptide(L)'
_entity_poly.pdbx_seq_one_letter_code
;MLRATVTGNVWSTRRIEGIPAGAFLEVEVEGTGSRMIAFDVLGSGVGEHVLIAQGSVASSWFTGTPPPIDALIIGSIDTR
SDSNPAELEHHHHHH
;
_entity_poly.pdbx_strand_id   A,B,C,D,E
#
# COMPACT_ATOMS: atom_id res chain seq x y z
N MET A 1 -1.72 10.40 6.17
CA MET A 1 -1.48 11.53 5.26
C MET A 1 -0.13 12.11 5.62
N LEU A 2 0.44 12.89 4.70
CA LEU A 2 1.75 13.49 4.96
C LEU A 2 1.72 14.98 4.64
N ARG A 3 2.51 15.71 5.41
CA ARG A 3 2.85 17.09 5.09
C ARG A 3 3.90 17.07 3.99
N ALA A 4 3.70 17.90 2.97
CA ALA A 4 4.69 17.97 1.90
C ALA A 4 4.75 19.39 1.37
N THR A 5 5.79 19.65 0.60
CA THR A 5 5.94 20.96 -0.06
C THR A 5 5.95 20.74 -1.56
N VAL A 6 5.19 21.56 -2.29
CA VAL A 6 5.22 21.49 -3.76
C VAL A 6 6.56 21.99 -4.27
N THR A 7 7.25 21.16 -5.05
CA THR A 7 8.59 21.51 -5.55
C THR A 7 8.66 21.64 -7.06
N GLY A 8 7.68 21.15 -7.79
CA GLY A 8 7.78 21.20 -9.25
C GLY A 8 6.57 20.50 -9.85
N ASN A 9 6.68 20.17 -11.13
CA ASN A 9 5.56 19.54 -11.82
C ASN A 9 6.06 18.66 -12.95
N VAL A 10 5.16 17.80 -13.40
CA VAL A 10 5.41 16.88 -14.48
C VAL A 10 4.48 17.13 -15.64
N TRP A 11 5.04 17.24 -16.83
CA TRP A 11 4.21 17.24 -18.04
C TRP A 11 4.18 15.85 -18.65
N SER A 12 2.99 15.33 -18.89
CA SER A 12 2.81 14.08 -19.62
C SER A 12 1.83 14.27 -20.76
N THR A 13 2.32 14.21 -21.99
CA THR A 13 1.41 14.33 -23.13
C THR A 13 0.85 13.00 -23.59
N ARG A 14 1.58 11.90 -23.43
CA ARG A 14 0.99 10.67 -23.86
C ARG A 14 0.61 9.95 -22.58
N ARG A 15 -0.69 9.75 -22.40
CA ARG A 15 -1.22 9.21 -21.15
C ARG A 15 -2.22 8.13 -21.45
N ILE A 16 -2.44 7.23 -20.48
CA ILE A 16 -3.58 6.30 -20.62
C ILE A 16 -4.88 7.09 -20.37
N GLU A 17 -5.98 6.56 -20.86
CA GLU A 17 -7.31 7.18 -20.65
C GLU A 17 -7.66 7.20 -19.18
N GLY A 18 -8.38 8.25 -18.73
CA GLY A 18 -8.95 8.23 -17.38
C GLY A 18 -8.28 9.14 -16.35
N ILE A 19 -7.31 9.93 -16.77
CA ILE A 19 -6.72 10.90 -15.84
C ILE A 19 -7.70 12.09 -15.77
N PRO A 20 -8.10 12.52 -14.55
CA PRO A 20 -9.04 13.63 -14.40
C PRO A 20 -8.41 14.98 -14.78
N ALA A 21 -9.25 16.02 -14.83
CA ALA A 21 -8.74 17.40 -14.97
C ALA A 21 -7.92 17.72 -13.73
N GLY A 22 -6.76 18.37 -13.92
CA GLY A 22 -5.90 18.70 -12.79
C GLY A 22 -4.45 18.56 -13.20
N ALA A 23 -3.53 18.70 -12.25
CA ALA A 23 -2.10 18.72 -12.56
C ALA A 23 -1.35 17.64 -11.81
N PHE A 24 -0.26 17.17 -12.41
CA PHE A 24 0.68 16.30 -11.73
C PHE A 24 1.75 17.17 -11.10
N LEU A 25 1.78 17.24 -9.78
CA LEU A 25 2.78 18.10 -9.12
C LEU A 25 3.82 17.26 -8.39
N GLU A 26 5.07 17.70 -8.45
CA GLU A 26 6.10 17.07 -7.61
C GLU A 26 6.05 17.67 -6.21
N VAL A 27 6.08 16.82 -5.21
CA VAL A 27 6.09 17.27 -3.81
C VAL A 27 7.22 16.59 -3.07
N GLU A 28 7.68 17.25 -2.00
CA GLU A 28 8.71 16.68 -1.14
C GLU A 28 8.13 16.53 0.27
N VAL A 29 8.19 15.31 0.81
CA VAL A 29 7.65 15.06 2.14
C VAL A 29 8.50 15.77 3.21
N GLU A 30 7.83 16.44 4.11
CA GLU A 30 8.54 17.28 5.07
C GLU A 30 9.37 16.40 6.00
N GLY A 31 10.52 16.88 6.41
CA GLY A 31 11.35 16.06 7.29
C GLY A 31 12.12 14.93 6.64
N THR A 32 11.53 14.21 5.68
CA THR A 32 12.23 13.09 5.07
C THR A 32 12.96 13.51 3.79
N GLY A 33 12.42 14.47 3.07
CA GLY A 33 13.02 14.84 1.80
C GLY A 33 12.70 13.86 0.66
N SER A 34 11.94 12.80 0.95
CA SER A 34 11.45 11.90 -0.10
C SER A 34 10.51 12.63 -1.08
N ARG A 35 10.58 12.31 -2.37
CA ARG A 35 9.73 12.97 -3.35
C ARG A 35 8.77 12.04 -4.04
N MET A 36 7.67 12.61 -4.49
CA MET A 36 6.70 11.84 -5.26
C MET A 36 5.88 12.79 -6.08
N ILE A 37 5.05 12.22 -6.95
CA ILE A 37 4.16 13.02 -7.76
C ILE A 37 2.74 12.87 -7.21
N ALA A 38 2.09 13.98 -6.89
CA ALA A 38 0.73 13.95 -6.37
C ALA A 38 -0.19 14.69 -7.32
N PHE A 39 -1.42 14.22 -7.46
CA PHE A 39 -2.40 14.93 -8.29
C PHE A 39 -2.99 16.15 -7.55
N ASP A 40 -3.20 17.25 -8.28
CA ASP A 40 -3.72 18.46 -7.65
C ASP A 40 -4.93 18.98 -8.39
N VAL A 41 -5.99 19.24 -7.63
CA VAL A 41 -7.21 19.85 -8.18
C VAL A 41 -7.48 21.24 -7.56
N LEU A 42 -6.80 21.62 -6.47
CA LEU A 42 -7.09 22.86 -5.80
C LEU A 42 -6.46 24.08 -6.40
N GLY A 43 -5.30 23.89 -7.02
CA GLY A 43 -4.51 25.04 -7.50
C GLY A 43 -3.33 25.33 -6.54
N SER A 44 -2.63 24.30 -6.11
CA SER A 44 -1.49 24.47 -5.21
C SER A 44 -0.31 25.00 -6.00
N GLY A 45 0.37 26.00 -5.45
CA GLY A 45 1.45 26.63 -6.21
C GLY A 45 2.78 26.11 -5.71
N VAL A 46 3.81 26.26 -6.53
CA VAL A 46 5.16 25.79 -6.17
C VAL A 46 5.59 26.48 -4.87
N GLY A 47 6.12 25.70 -3.93
CA GLY A 47 6.55 26.21 -2.64
C GLY A 47 5.51 26.08 -1.54
N GLU A 48 4.26 25.82 -1.93
CA GLU A 48 3.17 25.73 -0.96
C GLU A 48 3.26 24.45 -0.14
N HIS A 49 2.90 24.58 1.12
CA HIS A 49 2.79 23.45 2.02
C HIS A 49 1.39 22.80 1.93
N VAL A 50 1.38 21.51 1.68
CA VAL A 50 0.14 20.78 1.36
C VAL A 50 0.04 19.49 2.17
N LEU A 51 -1.17 18.94 2.17
CA LEU A 51 -1.46 17.66 2.81
C LEU A 51 -1.78 16.65 1.74
N ILE A 52 -1.13 15.48 1.78
CA ILE A 52 -1.25 14.44 0.75
C ILE A 52 -1.89 13.19 1.32
N ALA A 53 -2.80 12.61 0.56
CA ALA A 53 -3.30 11.24 0.82
C ALA A 53 -2.81 10.29 -0.28
N GLN A 54 -2.54 9.06 0.09
CA GLN A 54 -1.95 8.07 -0.84
C GLN A 54 -2.75 6.82 -0.94
N GLY A 55 -2.53 6.11 -2.04
CA GLY A 55 -3.16 4.82 -2.27
C GLY A 55 -4.50 4.99 -2.95
N SER A 56 -5.34 3.97 -2.81
CA SER A 56 -6.55 3.97 -3.62
C SER A 56 -7.53 5.06 -3.21
N VAL A 57 -7.43 5.62 -2.00
CA VAL A 57 -8.37 6.69 -1.61
C VAL A 57 -8.18 7.92 -2.49
N ALA A 58 -6.98 8.08 -3.07
CA ALA A 58 -6.72 9.19 -3.99
C ALA A 58 -7.57 9.04 -5.24
N SER A 59 -7.78 7.82 -5.66
CA SER A 59 -8.59 7.53 -6.85
C SER A 59 -10.09 7.51 -6.53
N SER A 60 -10.47 6.86 -5.43
CA SER A 60 -11.88 6.68 -5.17
C SER A 60 -12.55 7.99 -4.78
N TRP A 61 -11.74 9.02 -4.49
CA TRP A 61 -12.32 10.34 -4.20
C TRP A 61 -13.09 10.89 -5.41
N PHE A 62 -12.61 10.58 -6.63
CA PHE A 62 -13.21 11.03 -7.88
C PHE A 62 -14.38 10.07 -8.05
N THR A 63 -15.60 10.52 -8.09
CA THR A 63 -16.58 9.45 -8.19
C THR A 63 -16.77 9.03 -9.64
N GLY A 64 -17.28 7.82 -9.82
CA GLY A 64 -17.33 7.23 -11.13
C GLY A 64 -16.15 6.29 -11.39
N THR A 65 -15.78 6.15 -12.65
CA THR A 65 -14.73 5.21 -13.05
C THR A 65 -13.42 5.59 -12.37
N PRO A 66 -12.76 4.61 -11.74
CA PRO A 66 -11.58 4.97 -10.93
C PRO A 66 -10.37 5.43 -11.73
N PRO A 67 -9.90 6.66 -11.51
CA PRO A 67 -8.69 7.06 -12.26
C PRO A 67 -7.46 6.37 -11.73
N PRO A 68 -6.45 6.22 -12.57
CA PRO A 68 -5.26 5.49 -12.12
C PRO A 68 -4.27 6.41 -11.41
N ILE A 69 -4.73 6.92 -10.27
CA ILE A 69 -4.08 7.93 -9.46
C ILE A 69 -3.92 7.40 -8.02
N ASP A 70 -2.72 7.50 -7.45
CA ASP A 70 -2.47 6.99 -6.11
C ASP A 70 -1.90 8.01 -5.12
N ALA A 71 -2.02 9.29 -5.47
CA ALA A 71 -1.59 10.34 -4.54
C ALA A 71 -2.33 11.60 -4.91
N LEU A 72 -2.92 12.24 -3.89
CA LEU A 72 -3.81 13.39 -4.12
C LEU A 72 -3.49 14.46 -3.06
N ILE A 73 -3.31 15.72 -3.51
CA ILE A 73 -3.24 16.82 -2.52
C ILE A 73 -4.66 17.15 -2.03
N ILE A 74 -4.91 17.01 -0.73
CA ILE A 74 -6.26 17.16 -0.22
C ILE A 74 -6.48 18.49 0.44
N GLY A 75 -5.41 19.25 0.65
CA GLY A 75 -5.57 20.57 1.27
C GLY A 75 -4.27 21.31 1.37
N SER A 76 -4.40 22.62 1.60
CA SER A 76 -3.29 23.48 1.90
C SER A 76 -3.15 23.59 3.39
N ILE A 77 -1.90 23.61 3.87
CA ILE A 77 -1.69 23.64 5.29
C ILE A 77 -1.49 25.07 5.72
N ASP A 78 -2.24 25.48 6.74
CA ASP A 78 -2.12 26.83 7.27
C ASP A 78 -0.83 26.90 8.06
N MET B 1 2.29 8.93 -7.08
CA MET B 1 2.88 8.41 -8.34
C MET B 1 4.38 8.66 -8.31
N LEU B 2 5.12 7.96 -9.18
CA LEU B 2 6.57 8.14 -9.22
C LEU B 2 7.04 8.41 -10.64
N ARG B 3 8.05 9.28 -10.74
CA ARG B 3 8.85 9.42 -11.97
C ARG B 3 9.88 8.32 -12.01
N ALA B 4 10.01 7.69 -13.17
CA ALA B 4 10.95 6.60 -13.34
C ALA B 4 11.44 6.59 -14.77
N THR B 5 12.49 5.81 -14.98
CA THR B 5 13.06 5.58 -16.30
C THR B 5 12.95 4.12 -16.63
N VAL B 6 12.50 3.80 -17.83
CA VAL B 6 12.46 2.38 -18.23
C VAL B 6 13.88 1.88 -18.42
N THR B 7 14.19 0.78 -17.73
CA THR B 7 15.57 0.24 -17.74
C THR B 7 15.68 -1.19 -18.35
N GLY B 8 14.55 -1.85 -18.61
CA GLY B 8 14.66 -3.17 -19.22
C GLY B 8 13.32 -3.83 -19.47
N ASN B 9 13.37 -5.03 -20.06
CA ASN B 9 12.17 -5.76 -20.43
C ASN B 9 12.20 -7.05 -19.68
N VAL B 10 11.07 -7.41 -19.08
CA VAL B 10 10.92 -8.66 -18.35
C VAL B 10 9.92 -9.55 -19.08
N TRP B 11 10.34 -10.76 -19.39
CA TRP B 11 9.43 -11.77 -19.97
C TRP B 11 9.09 -12.81 -18.92
N SER B 12 7.80 -13.14 -18.81
CA SER B 12 7.39 -14.20 -17.91
C SER B 12 6.51 -15.10 -18.72
N THR B 13 7.06 -16.20 -19.22
CA THR B 13 6.26 -17.11 -20.07
C THR B 13 5.40 -18.06 -19.20
N ARG B 14 5.97 -18.58 -18.11
CA ARG B 14 5.20 -19.44 -17.21
C ARG B 14 4.60 -18.46 -16.17
N ARG B 15 3.33 -18.12 -16.36
CA ARG B 15 2.66 -17.06 -15.59
C ARG B 15 1.25 -17.48 -15.21
N ILE B 16 0.70 -16.85 -14.15
CA ILE B 16 -0.68 -17.14 -13.82
C ILE B 16 -1.64 -16.57 -14.85
N GLU B 17 -2.81 -17.17 -14.90
CA GLU B 17 -3.86 -16.68 -15.77
C GLU B 17 -4.37 -15.31 -15.35
N GLY B 18 -4.84 -14.57 -16.35
CA GLY B 18 -5.53 -13.32 -16.04
C GLY B 18 -4.76 -12.05 -16.25
N ILE B 19 -3.56 -12.14 -16.82
CA ILE B 19 -2.80 -10.95 -17.16
C ILE B 19 -3.21 -10.44 -18.56
N PRO B 20 -3.57 -9.15 -18.67
CA PRO B 20 -4.01 -8.62 -19.97
C PRO B 20 -2.86 -8.47 -20.93
N ALA B 21 -3.21 -8.06 -22.16
CA ALA B 21 -2.21 -7.68 -23.14
C ALA B 21 -1.37 -6.49 -22.63
N GLY B 22 -0.06 -6.56 -22.87
CA GLY B 22 0.85 -5.51 -22.43
C GLY B 22 2.20 -6.09 -22.05
N ALA B 23 3.09 -5.24 -21.58
CA ALA B 23 4.46 -5.64 -21.32
C ALA B 23 4.86 -5.43 -19.87
N PHE B 24 5.78 -6.25 -19.38
CA PHE B 24 6.40 -6.02 -18.07
C PHE B 24 7.70 -5.28 -18.32
N LEU B 25 7.84 -4.10 -17.74
CA LEU B 25 9.03 -3.32 -17.89
C LEU B 25 9.70 -3.09 -16.55
N GLU B 26 11.03 -3.21 -16.54
CA GLU B 26 11.79 -2.78 -15.36
C GLU B 26 11.91 -1.28 -15.41
N VAL B 27 11.71 -0.61 -14.28
CA VAL B 27 11.88 0.84 -14.22
C VAL B 27 12.74 1.17 -13.02
N GLU B 28 13.39 2.33 -13.08
CA GLU B 28 14.22 2.77 -11.98
C GLU B 28 13.65 4.11 -11.55
N VAL B 29 13.27 4.20 -10.29
CA VAL B 29 12.65 5.44 -9.78
C VAL B 29 13.67 6.55 -9.70
N GLU B 30 13.28 7.74 -10.15
CA GLU B 30 14.19 8.87 -10.16
C GLU B 30 14.63 9.27 -8.74
N GLY B 31 15.89 9.65 -8.61
CA GLY B 31 16.45 10.05 -7.33
C GLY B 31 16.85 8.93 -6.37
N THR B 32 16.00 7.94 -6.21
CA THR B 32 16.28 6.88 -5.25
C THR B 32 17.01 5.74 -5.93
N GLY B 33 16.77 5.56 -7.22
CA GLY B 33 17.39 4.44 -7.90
C GLY B 33 16.69 3.12 -7.57
N SER B 34 15.62 3.16 -6.80
CA SER B 34 14.85 1.93 -6.53
C SER B 34 14.29 1.32 -7.79
N ARG B 35 14.28 0.00 -7.84
CA ARG B 35 13.74 -0.63 -9.03
C ARG B 35 12.45 -1.36 -8.73
N MET B 36 11.61 -1.44 -9.76
CA MET B 36 10.42 -2.25 -9.69
C MET B 36 10.06 -2.68 -11.10
N ILE B 37 9.11 -3.60 -11.19
CA ILE B 37 8.61 -4.00 -12.47
C ILE B 37 7.20 -3.39 -12.64
N ALA B 38 6.97 -2.64 -13.72
CA ALA B 38 5.66 -2.02 -13.93
C ALA B 38 5.04 -2.57 -15.17
N PHE B 39 3.72 -2.63 -15.20
CA PHE B 39 3.02 -3.07 -16.40
C PHE B 39 2.85 -1.88 -17.35
N ASP B 40 2.94 -2.18 -18.65
CA ASP B 40 2.88 -1.12 -19.66
C ASP B 40 1.92 -1.45 -20.80
N VAL B 41 1.03 -0.50 -21.11
CA VAL B 41 0.17 -0.67 -22.24
C VAL B 41 0.44 0.39 -23.33
N LEU B 42 1.24 1.39 -23.02
CA LEU B 42 1.43 2.50 -23.97
C LEU B 42 2.46 2.18 -25.03
N GLY B 43 3.24 1.12 -24.82
CA GLY B 43 4.32 0.81 -25.74
C GLY B 43 5.60 1.57 -25.40
N SER B 44 5.89 1.74 -24.12
CA SER B 44 7.08 2.44 -23.65
C SER B 44 8.36 1.67 -23.93
N GLY B 45 9.41 2.39 -24.29
CA GLY B 45 10.68 1.75 -24.61
C GLY B 45 11.76 1.99 -23.58
N VAL B 46 12.82 1.19 -23.62
CA VAL B 46 13.93 1.39 -22.70
C VAL B 46 14.52 2.79 -22.88
N GLY B 47 14.80 3.45 -21.76
CA GLY B 47 15.34 4.79 -21.73
C GLY B 47 14.26 5.86 -21.55
N GLU B 48 13.00 5.48 -21.76
CA GLU B 48 11.91 6.46 -21.70
C GLU B 48 11.61 6.86 -20.26
N HIS B 49 11.30 8.13 -20.06
CA HIS B 49 10.89 8.62 -18.72
C HIS B 49 9.40 8.48 -18.60
N VAL B 50 8.94 7.86 -17.51
CA VAL B 50 7.53 7.49 -17.38
C VAL B 50 6.99 7.84 -16.00
N LEU B 51 5.66 7.88 -15.90
CA LEU B 51 4.99 8.16 -14.64
C LEU B 51 4.28 6.88 -14.23
N ILE B 52 4.48 6.45 -12.97
CA ILE B 52 3.94 5.18 -12.49
C ILE B 52 2.92 5.38 -11.36
N ALA B 53 1.84 4.63 -11.44
CA ALA B 53 0.91 4.51 -10.31
C ALA B 53 0.97 3.12 -9.72
N GLN B 54 0.80 3.04 -8.40
CA GLN B 54 0.96 1.77 -7.68
C GLN B 54 -0.29 1.39 -6.90
N GLY B 55 -0.37 0.08 -6.59
CA GLY B 55 -1.44 -0.44 -5.75
C GLY B 55 -2.63 -0.82 -6.59
N SER B 56 -3.78 -0.85 -5.92
CA SER B 56 -4.98 -1.39 -6.54
C SER B 56 -5.47 -0.54 -7.73
N VAL B 57 -5.12 0.74 -7.80
CA VAL B 57 -5.57 1.54 -8.93
C VAL B 57 -4.91 1.07 -10.22
N ALA B 58 -3.75 0.42 -10.15
CA ALA B 58 -3.14 -0.12 -11.35
C ALA B 58 -4.00 -1.28 -11.91
N SER B 59 -4.63 -2.04 -11.05
CA SER B 59 -5.47 -3.17 -11.49
C SER B 59 -6.87 -2.69 -11.90
N SER B 60 -7.43 -1.76 -11.12
CA SER B 60 -8.81 -1.39 -11.40
C SER B 60 -8.97 -0.57 -12.69
N TRP B 61 -7.88 -0.09 -13.26
CA TRP B 61 -7.95 0.61 -14.55
C TRP B 61 -8.46 -0.28 -15.69
N PHE B 62 -8.12 -1.56 -15.61
CA PHE B 62 -8.44 -2.50 -16.70
C PHE B 62 -9.89 -2.93 -16.73
N THR B 63 -10.39 -3.12 -17.95
CA THR B 63 -11.68 -3.75 -18.16
C THR B 63 -11.47 -5.27 -18.02
N GLY B 64 -12.58 -5.95 -17.81
CA GLY B 64 -12.57 -7.39 -17.63
C GLY B 64 -12.27 -7.68 -16.17
N THR B 65 -11.78 -8.89 -15.91
CA THR B 65 -11.42 -9.28 -14.56
C THR B 65 -10.17 -8.51 -14.13
N PRO B 66 -10.23 -7.83 -12.97
CA PRO B 66 -9.08 -7.00 -12.55
C PRO B 66 -7.85 -7.88 -12.33
N PRO B 67 -6.75 -7.59 -13.04
CA PRO B 67 -5.51 -8.39 -13.09
C PRO B 67 -4.65 -8.20 -11.87
N PRO B 68 -3.78 -9.18 -11.62
CA PRO B 68 -2.91 -9.13 -10.44
C PRO B 68 -1.67 -8.27 -10.71
N ILE B 69 -1.96 -6.99 -10.92
CA ILE B 69 -0.97 -6.01 -11.31
C ILE B 69 -1.02 -4.84 -10.29
N ASP B 70 0.14 -4.48 -9.72
CA ASP B 70 0.17 -3.41 -8.69
C ASP B 70 1.05 -2.21 -9.06
N ALA B 71 1.41 -2.11 -10.34
CA ALA B 71 2.23 -0.99 -10.84
C ALA B 71 1.95 -0.86 -12.32
N LEU B 72 1.58 0.37 -12.73
CA LEU B 72 1.15 0.64 -14.09
C LEU B 72 1.76 1.94 -14.56
N ILE B 73 2.38 1.91 -15.74
CA ILE B 73 2.83 3.15 -16.35
C ILE B 73 1.59 3.90 -16.86
N ILE B 74 1.38 5.10 -16.32
CA ILE B 74 0.17 5.82 -16.71
C ILE B 74 0.43 6.89 -17.75
N GLY B 75 1.69 7.16 -18.03
CA GLY B 75 1.98 8.18 -19.04
C GLY B 75 3.47 8.27 -19.26
N SER B 76 3.82 8.89 -20.37
CA SER B 76 5.17 9.21 -20.71
C SER B 76 5.43 10.64 -20.27
N ILE B 77 6.64 10.91 -19.81
CA ILE B 77 7.01 12.25 -19.34
C ILE B 77 7.74 13.00 -20.40
N ASP B 78 7.30 14.22 -20.66
CA ASP B 78 7.97 15.09 -21.65
C ASP B 78 9.27 15.65 -21.08
N MET C 1 5.34 -4.27 -9.20
CA MET C 1 5.71 -5.70 -8.98
C MET C 1 7.20 -5.76 -8.69
N LEU C 2 7.63 -6.86 -8.06
CA LEU C 2 9.04 -7.01 -7.74
C LEU C 2 9.59 -8.33 -8.23
N ARG C 3 10.84 -8.33 -8.65
CA ARG C 3 11.59 -9.56 -8.90
C ARG C 3 12.11 -10.06 -7.56
N ALA C 4 11.96 -11.36 -7.33
CA ALA C 4 12.45 -11.98 -6.09
C ALA C 4 12.94 -13.36 -6.38
N THR C 5 13.65 -13.92 -5.41
CA THR C 5 14.13 -15.29 -5.49
C THR C 5 13.51 -16.08 -4.36
N VAL C 6 12.95 -17.24 -4.69
CA VAL C 6 12.42 -18.14 -3.66
C VAL C 6 13.55 -18.75 -2.83
N THR C 7 13.44 -18.62 -1.51
CA THR C 7 14.53 -19.11 -0.66
C THR C 7 14.08 -20.28 0.20
N GLY C 8 12.78 -20.46 0.35
CA GLY C 8 12.32 -21.59 1.15
C GLY C 8 10.83 -21.67 1.32
N ASN C 9 10.38 -22.65 2.12
CA ASN C 9 8.95 -22.82 2.30
C ASN C 9 8.67 -22.44 3.74
N VAL C 10 7.47 -21.97 3.99
CA VAL C 10 7.10 -21.57 5.31
C VAL C 10 6.09 -22.57 5.75
N TRP C 11 6.37 -23.25 6.85
CA TRP C 11 5.42 -24.21 7.34
C TRP C 11 4.64 -23.57 8.46
N SER C 12 3.34 -23.49 8.27
CA SER C 12 2.45 -23.03 9.29
C SER C 12 2.04 -24.17 10.20
N THR C 13 1.77 -23.85 11.46
CA THR C 13 1.22 -24.86 12.37
C THR C 13 -0.31 -24.77 12.46
N ARG C 14 -0.85 -23.57 12.22
CA ARG C 14 -2.30 -23.37 12.14
C ARG C 14 -2.57 -22.08 11.39
N ARG C 15 -3.74 -21.98 10.80
CA ARG C 15 -4.09 -20.81 9.97
C ARG C 15 -5.50 -20.41 10.25
N ILE C 16 -5.84 -19.13 10.00
CA ILE C 16 -7.24 -18.72 10.01
C ILE C 16 -7.88 -19.34 8.77
N GLU C 17 -9.20 -19.38 8.80
CA GLU C 17 -9.94 -19.94 7.67
C GLU C 17 -9.85 -19.08 6.44
N GLY C 18 -10.00 -19.71 5.26
CA GLY C 18 -10.16 -18.90 4.05
C GLY C 18 -8.90 -18.76 3.22
N ILE C 19 -7.83 -19.45 3.59
CA ILE C 19 -6.61 -19.49 2.77
C ILE C 19 -6.75 -20.58 1.73
N PRO C 20 -6.55 -20.21 0.46
CA PRO C 20 -6.75 -21.14 -0.65
C PRO C 20 -5.66 -22.19 -0.71
N ALA C 21 -5.84 -23.19 -1.58
CA ALA C 21 -4.80 -24.14 -1.94
C ALA C 21 -3.59 -23.37 -2.46
N GLY C 22 -2.38 -23.82 -2.11
CA GLY C 22 -1.18 -23.12 -2.51
C GLY C 22 -0.19 -23.14 -1.38
N ALA C 23 0.94 -22.46 -1.57
CA ALA C 23 2.03 -22.52 -0.62
C ALA C 23 2.44 -21.13 -0.15
N PHE C 24 2.95 -21.06 1.08
CA PHE C 24 3.60 -19.85 1.58
C PHE C 24 5.12 -19.98 1.31
N LEU C 25 5.68 -19.10 0.50
CA LEU C 25 7.11 -19.21 0.21
C LEU C 25 7.85 -18.00 0.75
N GLU C 26 8.99 -18.25 1.35
CA GLU C 26 9.88 -17.14 1.69
C GLU C 26 10.62 -16.73 0.40
N VAL C 27 10.68 -15.42 0.15
CA VAL C 27 11.37 -14.90 -1.04
C VAL C 27 12.29 -13.77 -0.59
N GLU C 28 13.30 -13.51 -1.39
CA GLU C 28 14.22 -12.42 -1.15
C GLU C 28 14.16 -11.50 -2.35
N VAL C 29 13.88 -10.24 -2.09
CA VAL C 29 13.70 -9.27 -3.16
C VAL C 29 15.06 -8.94 -3.78
N GLU C 30 15.11 -8.96 -5.12
CA GLU C 30 16.36 -8.76 -5.84
C GLU C 30 16.85 -7.33 -5.56
N GLY C 31 18.13 -7.17 -5.33
CA GLY C 31 18.66 -5.83 -5.09
C GLY C 31 18.54 -5.27 -3.70
N THR C 32 17.40 -5.43 -3.04
CA THR C 32 17.30 -4.89 -1.70
C THR C 32 17.71 -5.95 -0.68
N GLY C 33 17.52 -7.22 -1.03
CA GLY C 33 17.78 -8.30 -0.10
C GLY C 33 16.66 -8.45 0.93
N SER C 34 15.63 -7.60 0.85
CA SER C 34 14.52 -7.72 1.80
C SER C 34 13.82 -9.03 1.68
N ARG C 35 13.36 -9.57 2.80
CA ARG C 35 12.59 -10.79 2.72
C ARG C 35 11.13 -10.57 3.01
N MET C 36 10.30 -11.41 2.39
CA MET C 36 8.88 -11.45 2.70
C MET C 36 8.34 -12.83 2.38
N ILE C 37 7.09 -13.07 2.76
CA ILE C 37 6.40 -14.31 2.46
C ILE C 37 5.36 -14.03 1.41
N ALA C 38 5.45 -14.79 0.31
CA ALA C 38 4.52 -14.65 -0.79
C ALA C 38 3.74 -15.92 -1.00
N PHE C 39 2.48 -15.78 -1.40
CA PHE C 39 1.66 -16.94 -1.70
C PHE C 39 1.96 -17.44 -3.10
N ASP C 40 1.95 -18.76 -3.27
CA ASP C 40 2.28 -19.35 -4.57
C ASP C 40 1.28 -20.40 -4.98
N VAL C 41 0.80 -20.29 -6.22
CA VAL C 41 -0.12 -21.28 -6.77
C VAL C 41 0.50 -22.01 -7.96
N LEU C 42 1.68 -21.55 -8.39
CA LEU C 42 2.37 -22.10 -9.57
C LEU C 42 3.32 -23.27 -9.35
N GLY C 43 3.57 -23.64 -8.10
CA GLY C 43 4.51 -24.71 -7.85
C GLY C 43 5.94 -24.22 -8.04
N SER C 44 6.17 -22.97 -7.63
CA SER C 44 7.51 -22.37 -7.74
C SER C 44 8.51 -23.06 -6.83
N GLY C 45 9.76 -23.13 -7.29
CA GLY C 45 10.79 -23.85 -6.54
C GLY C 45 11.83 -23.00 -5.85
N VAL C 46 12.54 -23.57 -4.87
CA VAL C 46 13.61 -22.84 -4.20
C VAL C 46 14.68 -22.48 -5.23
N GLY C 47 15.12 -21.23 -5.18
CA GLY C 47 16.15 -20.78 -6.09
C GLY C 47 15.58 -20.14 -7.33
N GLU C 48 14.28 -20.31 -7.53
CA GLU C 48 13.64 -19.77 -8.72
C GLU C 48 13.44 -18.26 -8.66
N HIS C 49 13.64 -17.61 -9.78
CA HIS C 49 13.40 -16.19 -9.86
C HIS C 49 11.98 -15.91 -10.29
N VAL C 50 11.26 -15.13 -9.49
CA VAL C 50 9.83 -14.96 -9.69
C VAL C 50 9.45 -13.49 -9.66
N LEU C 51 8.24 -13.21 -10.12
CA LEU C 51 7.63 -11.89 -10.16
C LEU C 51 6.49 -11.86 -9.15
N ILE C 52 6.47 -10.89 -8.26
CA ILE C 52 5.48 -10.80 -7.18
C ILE C 52 4.63 -9.56 -7.31
N ALA C 53 3.33 -9.72 -7.09
CA ALA C 53 2.42 -8.54 -6.92
C ALA C 53 1.98 -8.45 -5.47
N GLN C 54 1.81 -7.22 -4.99
CA GLN C 54 1.51 -7.00 -3.56
C GLN C 54 0.23 -6.23 -3.35
N GLY C 55 -0.31 -6.36 -2.15
CA GLY C 55 -1.52 -5.59 -1.79
C GLY C 55 -2.78 -6.33 -2.14
N SER C 56 -3.88 -5.58 -2.25
CA SER C 56 -5.18 -6.20 -2.42
C SER C 56 -5.29 -6.90 -3.77
N VAL C 57 -4.46 -6.53 -4.75
CA VAL C 57 -4.56 -7.23 -6.05
C VAL C 57 -4.12 -8.70 -5.93
N ALA C 58 -3.30 -9.01 -4.92
CA ALA C 58 -2.93 -10.43 -4.69
C ALA C 58 -4.13 -11.25 -4.26
N SER C 59 -4.98 -10.69 -3.42
CA SER C 59 -6.16 -11.37 -2.93
C SER C 59 -7.25 -11.40 -4.02
N SER C 60 -7.39 -10.31 -4.77
CA SER C 60 -8.52 -10.26 -5.69
C SER C 60 -8.36 -11.20 -6.89
N TRP C 61 -7.17 -11.77 -7.08
CA TRP C 61 -6.97 -12.77 -8.16
C TRP C 61 -7.82 -14.02 -7.93
N PHE C 62 -8.04 -14.32 -6.67
CA PHE C 62 -8.73 -15.55 -6.29
C PHE C 62 -10.22 -15.46 -6.48
N THR C 63 -10.82 -16.56 -6.89
CA THR C 63 -12.27 -16.66 -6.96
C THR C 63 -12.75 -16.99 -5.56
N GLY C 64 -14.01 -16.65 -5.27
CA GLY C 64 -14.56 -16.89 -3.96
C GLY C 64 -14.35 -15.75 -2.98
N THR C 65 -14.41 -16.08 -1.71
CA THR C 65 -14.26 -15.13 -0.62
C THR C 65 -12.84 -14.60 -0.68
N PRO C 66 -12.66 -13.27 -0.56
CA PRO C 66 -11.29 -12.72 -0.72
C PRO C 66 -10.33 -13.26 0.35
N PRO C 67 -9.27 -13.95 -0.10
CA PRO C 67 -8.39 -14.47 0.97
C PRO C 67 -7.49 -13.41 1.56
N PRO C 68 -7.03 -13.66 2.78
CA PRO C 68 -6.20 -12.67 3.49
C PRO C 68 -4.73 -12.77 3.08
N ILE C 69 -4.50 -12.47 1.79
CA ILE C 69 -3.19 -12.63 1.15
C ILE C 69 -2.80 -11.30 0.54
N ASP C 70 -1.60 -10.81 0.86
CA ASP C 70 -1.15 -9.48 0.36
C ASP C 70 0.15 -9.59 -0.51
N ALA C 71 0.49 -10.80 -0.95
CA ALA C 71 1.65 -10.99 -1.85
C ALA C 71 1.48 -12.29 -2.61
N LEU C 72 1.60 -12.23 -3.93
CA LEU C 72 1.30 -13.38 -4.80
C LEU C 72 2.36 -13.45 -5.86
N ILE C 73 2.92 -14.66 -6.04
CA ILE C 73 3.80 -14.88 -7.18
C ILE C 73 2.97 -14.99 -8.45
N ILE C 74 3.26 -14.13 -9.44
CA ILE C 74 2.42 -14.15 -10.64
C ILE C 74 3.12 -14.80 -11.83
N GLY C 75 4.41 -15.13 -11.69
CA GLY C 75 5.08 -15.82 -12.81
C GLY C 75 6.56 -16.00 -12.52
N SER C 76 7.22 -16.81 -13.34
CA SER C 76 8.69 -16.91 -13.22
C SER C 76 9.32 -16.03 -14.27
N ILE C 77 10.57 -15.63 -14.02
CA ILE C 77 11.25 -14.69 -14.91
C ILE C 77 12.08 -15.46 -15.93
N ASP C 78 11.82 -15.16 -17.20
CA ASP C 78 12.51 -15.84 -18.28
C ASP C 78 13.97 -15.37 -18.33
N THR C 79 14.82 -16.26 -18.84
CA THR C 79 16.24 -15.90 -18.90
C THR C 79 16.59 -14.79 -19.87
N ARG C 80 15.67 -14.47 -20.78
CA ARG C 80 15.98 -13.40 -21.73
C ARG C 80 15.70 -12.03 -21.15
N SER C 81 15.08 -11.99 -19.98
CA SER C 81 14.79 -10.70 -19.31
C SER C 81 16.05 -9.91 -19.09
N ASP C 82 15.97 -8.59 -19.25
CA ASP C 82 17.19 -7.80 -19.12
C ASP C 82 16.98 -6.60 -18.19
N SER C 83 18.11 -5.97 -17.88
CA SER C 83 18.15 -4.89 -16.88
C SER C 83 19.33 -4.01 -17.20
N ASN C 84 19.27 -2.73 -16.84
CA ASN C 84 20.39 -1.84 -17.09
C ASN C 84 20.24 -0.64 -16.17
N PRO C 85 21.34 -0.09 -15.69
CA PRO C 85 21.15 1.17 -14.92
C PRO C 85 20.61 2.33 -15.77
N ALA C 86 19.74 3.15 -15.19
CA ALA C 86 19.18 4.31 -15.92
C ALA C 86 20.25 5.34 -16.30
N MET D 1 3.35 -10.94 2.84
CA MET D 1 3.10 -11.23 4.27
C MET D 1 4.42 -11.23 5.01
N LEU D 2 4.36 -11.09 6.33
CA LEU D 2 5.58 -11.04 7.13
C LEU D 2 5.58 -12.02 8.27
N ARG D 3 6.77 -12.53 8.57
CA ARG D 3 7.00 -13.29 9.80
C ARG D 3 7.21 -12.36 10.98
N ALA D 4 6.57 -12.64 12.12
CA ALA D 4 6.76 -11.75 13.27
C ALA D 4 6.61 -12.54 14.55
N THR D 5 6.97 -11.93 15.66
CA THR D 5 6.79 -12.57 16.95
C THR D 5 5.86 -11.72 17.78
N VAL D 6 4.87 -12.32 18.41
CA VAL D 6 4.02 -11.56 19.31
C VAL D 6 4.79 -11.12 20.57
N THR D 7 4.78 -9.82 20.85
CA THR D 7 5.55 -9.32 21.98
C THR D 7 4.66 -8.79 23.10
N GLY D 8 3.39 -8.56 22.84
CA GLY D 8 2.52 -8.17 23.93
C GLY D 8 1.08 -7.89 23.52
N ASN D 9 0.27 -7.51 24.50
CA ASN D 9 -1.14 -7.26 24.29
C ASN D 9 -1.33 -5.75 24.34
N VAL D 10 -2.26 -5.26 23.54
CA VAL D 10 -2.54 -3.85 23.54
C VAL D 10 -3.99 -3.66 23.95
N TRP D 11 -4.23 -2.88 24.98
CA TRP D 11 -5.60 -2.62 25.37
C TRP D 11 -6.05 -1.26 24.89
N SER D 12 -7.20 -1.24 24.22
CA SER D 12 -7.83 0.00 23.81
C SER D 12 -9.25 0.04 24.29
N THR D 13 -9.55 0.87 25.27
CA THR D 13 -10.94 0.88 25.71
C THR D 13 -11.79 1.88 24.94
N ARG D 14 -11.22 3.01 24.52
CA ARG D 14 -12.01 3.93 23.76
C ARG D 14 -11.71 3.65 22.29
N ARG D 15 -12.74 3.26 21.55
CA ARG D 15 -12.58 2.79 20.16
C ARG D 15 -13.67 3.37 19.29
N ILE D 16 -13.40 3.51 18.00
CA ILE D 16 -14.50 3.77 17.06
C ILE D 16 -15.31 2.50 16.87
N GLU D 17 -16.55 2.65 16.40
CA GLU D 17 -17.42 1.51 16.13
C GLU D 17 -16.83 0.63 15.01
N GLY D 18 -17.07 -0.67 15.12
CA GLY D 18 -16.76 -1.56 13.99
C GLY D 18 -15.53 -2.45 14.12
N ILE D 19 -14.89 -2.44 15.29
CA ILE D 19 -13.79 -3.37 15.53
C ILE D 19 -14.41 -4.75 15.86
N PRO D 20 -13.98 -5.81 15.18
CA PRO D 20 -14.56 -7.12 15.46
C PRO D 20 -14.13 -7.68 16.79
N ALA D 21 -14.76 -8.78 17.17
CA ALA D 21 -14.31 -9.55 18.33
C ALA D 21 -12.90 -10.03 18.07
N GLY D 22 -12.04 -9.96 19.08
CA GLY D 22 -10.65 -10.34 18.88
C GLY D 22 -9.73 -9.43 19.67
N ALA D 23 -8.44 -9.57 19.42
CA ALA D 23 -7.44 -8.84 20.22
C ALA D 23 -6.49 -8.04 19.38
N PHE D 24 -5.99 -6.95 19.96
CA PHE D 24 -4.86 -6.21 19.38
C PHE D 24 -3.55 -6.72 19.97
N LEU D 25 -2.65 -7.20 19.13
CA LEU D 25 -1.37 -7.69 19.62
C LEU D 25 -0.23 -6.90 19.05
N GLU D 26 0.73 -6.55 19.89
CA GLU D 26 1.96 -6.00 19.39
C GLU D 26 2.86 -7.10 18.89
N VAL D 27 3.46 -6.90 17.73
CA VAL D 27 4.36 -7.89 17.15
C VAL D 27 5.62 -7.22 16.70
N GLU D 28 6.68 -8.03 16.59
CA GLU D 28 7.94 -7.56 16.08
C GLU D 28 8.32 -8.34 14.84
N VAL D 29 8.53 -7.65 13.73
CA VAL D 29 8.81 -8.33 12.46
C VAL D 29 10.19 -8.96 12.50
N GLU D 30 10.30 -10.20 12.05
CA GLU D 30 11.58 -10.88 12.11
C GLU D 30 12.62 -10.22 11.20
N GLY D 31 13.87 -10.21 11.65
CA GLY D 31 14.96 -9.62 10.89
C GLY D 31 15.08 -8.11 10.94
N THR D 32 13.97 -7.40 10.80
CA THR D 32 14.00 -5.94 10.80
C THR D 32 13.81 -5.40 12.22
N GLY D 33 13.10 -6.16 13.03
CA GLY D 33 12.80 -5.72 14.37
C GLY D 33 11.70 -4.67 14.41
N SER D 34 11.14 -4.34 13.25
CA SER D 34 10.05 -3.37 13.21
C SER D 34 8.86 -3.84 14.01
N ARG D 35 8.20 -2.91 14.69
CA ARG D 35 7.02 -3.29 15.42
C ARG D 35 5.76 -2.71 14.82
N MET D 36 4.68 -3.45 15.02
CA MET D 36 3.38 -2.97 14.58
C MET D 36 2.34 -3.64 15.47
N ILE D 37 1.10 -3.20 15.35
CA ILE D 37 -0.02 -3.84 16.05
C ILE D 37 -0.88 -4.60 15.04
N ALA D 38 -1.12 -5.90 15.30
CA ALA D 38 -1.93 -6.68 14.37
C ALA D 38 -3.17 -7.16 15.06
N PHE D 39 -4.24 -7.32 14.32
CA PHE D 39 -5.44 -7.92 14.91
C PHE D 39 -5.32 -9.46 14.98
N ASP D 40 -5.88 -10.05 16.01
CA ASP D 40 -5.78 -11.51 16.17
C ASP D 40 -7.10 -12.11 16.51
N VAL D 41 -7.48 -13.17 15.80
CA VAL D 41 -8.67 -13.93 16.12
C VAL D 41 -8.38 -15.37 16.56
N LEU D 42 -7.14 -15.82 16.38
CA LEU D 42 -6.80 -17.22 16.71
C LEU D 42 -6.52 -17.45 18.17
N GLY D 43 -6.23 -16.39 18.94
CA GLY D 43 -5.83 -16.58 20.32
C GLY D 43 -4.34 -16.77 20.43
N SER D 44 -3.59 -16.00 19.66
CA SER D 44 -2.12 -16.05 19.69
C SER D 44 -1.55 -15.51 21.00
N GLY D 45 -0.50 -16.15 21.49
CA GLY D 45 0.08 -15.75 22.76
C GLY D 45 1.42 -15.03 22.61
N VAL D 46 1.83 -14.35 23.69
CA VAL D 46 3.13 -13.71 23.69
C VAL D 46 4.26 -14.71 23.43
N GLY D 47 5.17 -14.35 22.53
CA GLY D 47 6.29 -15.21 22.17
C GLY D 47 6.03 -16.06 20.95
N GLU D 48 4.77 -16.12 20.54
CA GLU D 48 4.42 -16.96 19.42
C GLU D 48 4.90 -16.37 18.10
N HIS D 49 5.38 -17.24 17.23
CA HIS D 49 5.78 -16.80 15.90
C HIS D 49 4.59 -16.87 14.98
N VAL D 50 4.30 -15.76 14.30
CA VAL D 50 3.06 -15.65 13.51
C VAL D 50 3.32 -15.11 12.13
N LEU D 51 2.31 -15.25 11.26
CA LEU D 51 2.32 -14.74 9.87
C LEU D 51 1.30 -13.63 9.77
N ILE D 52 1.69 -12.47 9.23
CA ILE D 52 0.82 -11.30 9.16
C ILE D 52 0.52 -10.88 7.72
N ALA D 53 -0.75 -10.52 7.46
CA ALA D 53 -1.12 -9.89 6.20
C ALA D 53 -1.49 -8.43 6.49
N GLN D 54 -1.14 -7.52 5.57
CA GLN D 54 -1.35 -6.10 5.78
C GLN D 54 -2.19 -5.50 4.69
N GLY D 55 -2.76 -4.36 5.04
CA GLY D 55 -3.58 -3.58 4.12
C GLY D 55 -5.02 -4.00 4.19
N SER D 56 -5.77 -3.65 3.14
CA SER D 56 -7.22 -3.85 3.16
C SER D 56 -7.60 -5.34 3.20
N VAL D 57 -6.70 -6.25 2.81
CA VAL D 57 -7.08 -7.66 2.88
C VAL D 57 -7.29 -8.10 4.34
N ALA D 58 -6.69 -7.37 5.29
CA ALA D 58 -6.93 -7.70 6.69
C ALA D 58 -8.36 -7.42 7.10
N SER D 59 -8.92 -6.38 6.50
CA SER D 59 -10.27 -5.94 6.77
C SER D 59 -11.29 -6.75 5.98
N SER D 60 -10.99 -7.01 4.70
CA SER D 60 -11.98 -7.65 3.86
C SER D 60 -12.15 -9.14 4.22
N TRP D 61 -11.26 -9.68 5.04
CA TRP D 61 -11.42 -11.06 5.52
C TRP D 61 -12.71 -11.23 6.35
N PHE D 62 -13.09 -10.18 7.03
CA PHE D 62 -14.28 -10.20 7.91
C PHE D 62 -15.53 -10.07 7.04
N THR D 63 -16.57 -10.79 7.41
CA THR D 63 -17.78 -10.70 6.60
C THR D 63 -18.57 -9.46 7.04
N GLY D 64 -19.29 -8.85 6.11
CA GLY D 64 -20.01 -7.63 6.45
C GLY D 64 -19.24 -6.32 6.26
N THR D 65 -19.64 -5.33 7.03
CA THR D 65 -19.08 -3.99 6.95
C THR D 65 -17.59 -4.01 7.26
N PRO D 66 -16.78 -3.32 6.44
CA PRO D 66 -15.32 -3.40 6.60
C PRO D 66 -14.80 -2.82 7.89
N PRO D 67 -14.16 -3.65 8.72
CA PRO D 67 -13.61 -3.06 9.94
C PRO D 67 -12.38 -2.24 9.62
N PRO D 68 -12.09 -1.25 10.49
CA PRO D 68 -10.96 -0.35 10.22
C PRO D 68 -9.65 -0.95 10.73
N ILE D 69 -9.27 -2.06 10.12
CA ILE D 69 -8.12 -2.90 10.50
C ILE D 69 -7.23 -3.11 9.30
N ASP D 70 -5.92 -2.91 9.44
CA ASP D 70 -5.00 -3.06 8.30
C ASP D 70 -3.88 -4.05 8.54
N ALA D 71 -4.02 -4.88 9.58
CA ALA D 71 -3.01 -5.94 9.85
C ALA D 71 -3.72 -7.05 10.61
N LEU D 72 -3.52 -8.29 10.14
CA LEU D 72 -4.22 -9.45 10.67
C LEU D 72 -3.22 -10.60 10.78
N ILE D 73 -3.20 -11.26 11.94
CA ILE D 73 -2.45 -12.50 12.07
C ILE D 73 -3.22 -13.60 11.36
N ILE D 74 -2.63 -14.18 10.32
CA ILE D 74 -3.35 -15.20 9.55
C ILE D 74 -2.90 -16.60 9.89
N GLY D 75 -1.88 -16.75 10.74
CA GLY D 75 -1.46 -18.11 11.10
C GLY D 75 -0.29 -18.10 12.04
N SER D 76 -0.02 -19.27 12.61
CA SER D 76 1.14 -19.50 13.42
C SER D 76 2.19 -20.26 12.62
N ILE D 77 3.46 -19.95 12.84
CA ILE D 77 4.54 -20.62 12.10
C ILE D 77 5.27 -21.62 12.94
N MET E 1 -1.49 -2.01 12.12
CA MET E 1 -1.79 -0.72 12.79
C MET E 1 -0.56 -0.22 13.51
N LEU E 2 -0.59 1.07 13.86
CA LEU E 2 0.58 1.66 14.54
C LEU E 2 0.20 2.26 15.87
N ARG E 3 1.10 2.10 16.83
CA ARG E 3 1.08 2.82 18.10
C ARG E 3 1.70 4.19 17.81
N ALA E 4 1.03 5.26 18.23
CA ALA E 4 1.56 6.61 18.02
C ALA E 4 1.14 7.52 19.15
N THR E 5 1.79 8.67 19.24
CA THR E 5 1.45 9.71 20.21
C THR E 5 1.04 10.95 19.45
N VAL E 6 -0.09 11.54 19.84
CA VAL E 6 -0.52 12.80 19.21
C VAL E 6 0.44 13.93 19.58
N THR E 7 0.98 14.59 18.57
CA THR E 7 1.98 15.65 18.85
C THR E 7 1.46 17.02 18.53
N GLY E 8 0.37 17.12 17.77
CA GLY E 8 -0.16 18.44 17.47
C GLY E 8 -1.36 18.43 16.53
N ASN E 9 -1.83 19.63 16.20
CA ASN E 9 -3.02 19.79 15.36
C ASN E 9 -2.57 20.38 14.07
N VAL E 10 -3.23 19.99 12.99
CA VAL E 10 -2.93 20.49 11.65
C VAL E 10 -4.18 21.16 11.09
N TRP E 11 -4.06 22.42 10.72
CA TRP E 11 -5.17 23.16 10.14
C TRP E 11 -5.03 23.37 8.63
N SER E 12 -6.11 23.23 7.88
CA SER E 12 -6.13 23.54 6.44
C SER E 12 -6.76 24.91 6.01
N THR E 13 -6.07 25.72 5.23
CA THR E 13 -6.70 26.97 4.78
C THR E 13 -7.72 26.74 3.64
N ARG E 14 -7.54 25.64 2.93
CA ARG E 14 -8.27 25.36 1.71
C ARG E 14 -8.22 23.85 1.56
N ARG E 15 -9.36 23.19 1.38
CA ARG E 15 -9.37 21.73 1.31
C ARG E 15 -10.34 21.27 0.21
N ILE E 16 -10.08 20.06 -0.31
CA ILE E 16 -11.02 19.52 -1.26
C ILE E 16 -12.32 19.10 -0.56
N GLU E 17 -13.37 18.96 -1.35
CA GLU E 17 -14.65 18.50 -0.83
C GLU E 17 -14.64 17.08 -0.33
N GLY E 18 -15.55 16.77 0.59
CA GLY E 18 -15.79 15.37 0.92
C GLY E 18 -15.08 14.86 2.15
N ILE E 19 -14.41 15.77 2.85
CA ILE E 19 -13.76 15.42 4.12
C ILE E 19 -14.80 15.54 5.25
N PRO E 20 -14.97 14.48 6.01
CA PRO E 20 -15.98 14.44 7.07
C PRO E 20 -15.60 15.34 8.25
N ALA E 21 -16.53 15.51 9.17
CA ALA E 21 -16.25 16.19 10.43
C ALA E 21 -15.16 15.41 11.20
N GLY E 22 -14.24 16.14 11.81
CA GLY E 22 -13.14 15.55 12.54
C GLY E 22 -11.91 16.42 12.36
N ALA E 23 -10.81 15.98 12.93
CA ALA E 23 -9.59 16.79 12.97
C ALA E 23 -8.43 16.06 12.32
N PHE E 24 -7.51 16.86 11.78
CA PHE E 24 -6.21 16.33 11.32
C PHE E 24 -5.24 16.48 12.47
N LEU E 25 -4.67 15.35 12.93
CA LEU E 25 -3.69 15.40 14.03
C LEU E 25 -2.34 14.89 13.51
N GLU E 26 -1.28 15.58 13.89
CA GLU E 26 0.07 15.07 13.70
C GLU E 26 0.35 14.05 14.80
N VAL E 27 0.94 12.92 14.44
CA VAL E 27 1.23 11.87 15.41
C VAL E 27 2.67 11.45 15.19
N GLU E 28 3.27 10.89 16.24
CA GLU E 28 4.61 10.36 16.13
C GLU E 28 4.53 8.86 16.38
N VAL E 29 4.99 8.08 15.40
CA VAL E 29 4.95 6.60 15.50
C VAL E 29 5.98 6.15 16.54
N GLU E 30 5.57 5.28 17.46
CA GLU E 30 6.43 5.06 18.64
C GLU E 30 7.75 4.35 18.42
N GLY E 31 7.74 3.33 17.57
CA GLY E 31 8.96 2.56 17.35
C GLY E 31 10.06 3.29 16.60
N THR E 32 9.64 4.11 15.64
CA THR E 32 10.49 4.83 14.72
C THR E 32 10.71 6.33 14.94
N GLY E 33 9.76 7.00 15.58
CA GLY E 33 9.80 8.44 15.75
C GLY E 33 9.29 9.15 14.49
N SER E 34 8.90 8.39 13.49
CA SER E 34 8.36 8.97 12.25
C SER E 34 7.04 9.70 12.48
N ARG E 35 6.82 10.82 11.78
CA ARG E 35 5.55 11.52 11.97
C ARG E 35 4.68 11.39 10.75
N MET E 36 3.39 11.48 10.98
CA MET E 36 2.41 11.44 9.90
C MET E 36 1.19 12.18 10.42
N ILE E 37 0.24 12.43 9.51
CA ILE E 37 -1.01 13.09 9.86
C ILE E 37 -2.13 12.10 9.79
N ALA E 38 -2.89 11.96 10.87
CA ALA E 38 -3.99 11.01 10.90
C ALA E 38 -5.30 11.73 11.14
N PHE E 39 -6.38 11.20 10.59
CA PHE E 39 -7.70 11.79 10.85
C PHE E 39 -8.25 11.32 12.20
N ASP E 40 -8.95 12.21 12.90
CA ASP E 40 -9.47 11.86 14.23
C ASP E 40 -10.92 12.25 14.38
N VAL E 41 -11.72 11.30 14.84
CA VAL E 41 -13.14 11.55 15.14
C VAL E 41 -13.44 11.35 16.61
N LEU E 42 -12.48 10.80 17.36
CA LEU E 42 -12.74 10.50 18.77
C LEU E 42 -12.52 11.68 19.68
N GLY E 43 -11.84 12.73 19.22
CA GLY E 43 -11.54 13.86 20.08
C GLY E 43 -10.25 13.66 20.88
N SER E 44 -9.25 13.09 20.21
CA SER E 44 -7.95 12.83 20.82
C SER E 44 -7.16 14.09 21.06
N GLY E 45 -6.44 14.12 22.18
CA GLY E 45 -5.69 15.31 22.54
C GLY E 45 -4.17 15.13 22.40
N VAL E 46 -3.46 16.24 22.37
CA VAL E 46 -2.02 16.19 22.29
C VAL E 46 -1.45 15.43 23.48
N GLY E 47 -0.52 14.52 23.19
CA GLY E 47 0.08 13.70 24.22
C GLY E 47 -0.57 12.35 24.37
N GLU E 48 -1.75 12.19 23.78
CA GLU E 48 -2.49 10.94 23.92
C GLU E 48 -1.86 9.83 23.07
N HIS E 49 -1.84 8.61 23.63
CA HIS E 49 -1.37 7.43 22.89
C HIS E 49 -2.54 6.82 22.15
N VAL E 50 -2.35 6.64 20.85
CA VAL E 50 -3.44 6.22 19.98
C VAL E 50 -3.01 5.10 19.07
N LEU E 51 -4.03 4.43 18.51
CA LEU E 51 -3.85 3.35 17.57
C LEU E 51 -4.33 3.82 16.18
N ILE E 52 -3.48 3.63 15.16
CA ILE E 52 -3.80 4.12 13.81
C ILE E 52 -3.91 3.02 12.79
N ALA E 53 -4.94 3.11 11.96
CA ALA E 53 -5.05 2.25 10.78
C ALA E 53 -4.79 3.07 9.53
N GLN E 54 -4.14 2.44 8.55
CA GLN E 54 -3.73 3.16 7.33
C GLN E 54 -4.32 2.53 6.08
N GLY E 55 -4.39 3.33 5.02
CA GLY E 55 -4.84 2.83 3.73
C GLY E 55 -6.33 2.95 3.52
N SER E 56 -6.86 2.15 2.62
CA SER E 56 -8.26 2.34 2.22
C SER E 56 -9.24 2.07 3.35
N VAL E 57 -8.88 1.27 4.35
CA VAL E 57 -9.80 1.02 5.45
C VAL E 57 -10.07 2.27 6.28
N ALA E 58 -9.16 3.25 6.23
CA ALA E 58 -9.40 4.51 6.91
C ALA E 58 -10.56 5.29 6.26
N SER E 59 -10.70 5.15 4.95
CA SER E 59 -11.75 5.83 4.21
C SER E 59 -13.05 5.06 4.22
N SER E 60 -12.94 3.73 4.05
CA SER E 60 -14.15 2.93 3.91
C SER E 60 -14.92 2.84 5.26
N TRP E 61 -14.32 3.27 6.36
CA TRP E 61 -15.04 3.29 7.65
C TRP E 61 -16.21 4.26 7.62
N PHE E 62 -16.03 5.33 6.87
CA PHE E 62 -17.00 6.41 6.81
C PHE E 62 -18.18 6.15 5.92
N THR E 63 -19.32 6.71 6.34
CA THR E 63 -20.52 6.66 5.52
C THR E 63 -20.42 7.76 4.47
N GLY E 64 -21.22 7.63 3.41
CA GLY E 64 -21.26 8.67 2.41
C GLY E 64 -20.17 8.52 1.39
N THR E 65 -19.86 9.61 0.69
CA THR E 65 -18.88 9.60 -0.38
C THR E 65 -17.51 9.29 0.21
N PRO E 66 -16.71 8.47 -0.47
CA PRO E 66 -15.44 8.02 0.13
C PRO E 66 -14.51 9.18 0.44
N PRO E 67 -14.15 9.35 1.72
CA PRO E 67 -13.29 10.52 1.95
C PRO E 67 -11.86 10.25 1.58
N PRO E 68 -11.14 11.31 1.24
CA PRO E 68 -9.76 11.17 0.79
C PRO E 68 -8.80 11.09 1.98
N ILE E 69 -8.99 10.04 2.78
CA ILE E 69 -8.29 9.87 4.05
C ILE E 69 -7.60 8.49 4.08
N ASP E 70 -6.29 8.46 4.40
CA ASP E 70 -5.55 7.20 4.38
C ASP E 70 -4.92 6.88 5.72
N ALA E 71 -5.38 7.55 6.77
CA ALA E 71 -4.91 7.24 8.12
C ALA E 71 -5.96 7.73 9.09
N LEU E 72 -6.38 6.83 10.00
CA LEU E 72 -7.50 7.10 10.94
C LEU E 72 -7.13 6.60 12.32
N ILE E 73 -7.32 7.42 13.34
CA ILE E 73 -7.16 6.98 14.72
C ILE E 73 -8.36 6.16 15.07
N ILE E 74 -8.13 4.88 15.36
CA ILE E 74 -9.27 3.96 15.59
C ILE E 74 -9.50 3.75 17.07
N GLY E 75 -8.59 4.24 17.93
CA GLY E 75 -8.80 4.03 19.36
C GLY E 75 -7.69 4.70 20.14
N SER E 76 -7.95 4.84 21.44
CA SER E 76 -6.96 5.33 22.37
C SER E 76 -6.33 4.13 23.05
N ILE E 77 -5.02 4.18 23.33
CA ILE E 77 -4.36 3.02 23.94
C ILE E 77 -4.23 3.15 25.46
N ASP E 78 -4.69 2.13 26.18
CA ASP E 78 -4.62 2.10 27.64
C ASP E 78 -3.20 1.85 28.11
#